data_3QZ3
#
_entry.id   3QZ3
#
_cell.length_a   144.960
_cell.length_b   144.960
_cell.length_c   136.921
_cell.angle_alpha   90.00
_cell.angle_beta   90.00
_cell.angle_gamma   90.00
#
_symmetry.space_group_name_H-M   'I 4 2 2'
#
loop_
_entity.id
_entity.type
_entity.pdbx_description
1 polymer Ferritin
2 non-polymer 1,2-ETHANEDIOL
3 water water
#
_entity_poly.entity_id   1
_entity_poly.type   'polypeptide(L)'
_entity_poly.pdbx_seq_one_letter_code
;SNA(MSE)NQEFF(MSE)LSQA(MSE)VEHLNEQINLEFFSSNLYLQ(MSE)SAWCEDKGFDGAAEFLRAHAVEE(MSE)
QH(MSE)QRLFTYVSETGALPILGAIAAPRHDFASLGEVFRETYQHEQKITQQINKLAHVAFTSQDYSTFNFLQWYVAEQ
HEEEKLFKGILDKLELVGEDGKALFFIDKDLAALAKKGSSSV(MSE)DAPAE
;
_entity_poly.pdbx_strand_id   A,B,C
#
# COMPACT_ATOMS: atom_id res chain seq x y z
N PHE A 9 -3.74 -2.89 16.42
CA PHE A 9 -3.05 -3.03 17.71
C PHE A 9 -1.56 -2.73 17.58
N LEU A 11 -0.23 -0.55 15.53
CA LEU A 11 -0.13 0.91 15.49
C LEU A 11 -1.02 1.53 16.56
N SER A 12 -0.54 2.59 17.20
CA SER A 12 -1.39 3.34 18.09
C SER A 12 -2.42 4.05 17.22
N GLN A 13 -3.61 4.31 17.77
CA GLN A 13 -4.62 5.05 17.05
C GLN A 13 -4.13 6.42 16.60
N ALA A 14 -3.34 7.08 17.44
CA ALA A 14 -2.78 8.37 17.05
C ALA A 14 -1.82 8.23 15.85
N VAL A 16 -1.96 5.82 13.45
CA VAL A 16 -2.78 5.58 12.27
C VAL A 16 -3.25 6.91 11.69
N GLU A 17 -3.69 7.81 12.56
CA GLU A 17 -4.14 9.13 12.11
C GLU A 17 -3.02 9.95 11.46
N HIS A 18 -1.81 9.91 12.02
CA HIS A 18 -0.69 10.65 11.44
C HIS A 18 -0.35 10.06 10.07
N LEU A 19 -0.38 8.74 9.98
CA LEU A 19 -0.03 8.09 8.73
C LEU A 19 -1.10 8.37 7.69
N ASN A 20 -2.38 8.35 8.09
CA ASN A 20 -3.46 8.66 7.17
C ASN A 20 -3.37 10.09 6.67
N GLU A 21 -2.95 11.01 7.55
CA GLU A 21 -2.77 12.39 7.13
C GLU A 21 -1.66 12.50 6.07
N GLN A 22 -0.58 11.76 6.28
CA GLN A 22 0.52 11.78 5.32
C GLN A 22 0.08 11.16 4.01
N ILE A 23 -0.73 10.11 4.08
CA ILE A 23 -1.27 9.48 2.87
C ILE A 23 -2.05 10.49 2.02
N ASN A 24 -2.93 11.29 2.65
CA ASN A 24 -3.72 12.29 1.93
C ASN A 24 -2.84 13.41 1.36
N LEU A 25 -1.83 13.80 2.12
CA LEU A 25 -0.86 14.80 1.67
C LEU A 25 -0.12 14.34 0.42
N GLU A 26 0.38 13.10 0.44
CA GLU A 26 1.09 12.53 -0.68
C GLU A 26 0.20 12.49 -1.92
N PHE A 27 -1.08 12.18 -1.71
CA PHE A 27 -2.05 12.08 -2.79
C PHE A 27 -2.24 13.46 -3.41
N PHE A 28 -2.50 14.45 -2.57
CA PHE A 28 -2.62 15.80 -3.06
C PHE A 28 -1.36 16.24 -3.80
N SER A 29 -0.19 15.92 -3.24
CA SER A 29 1.08 16.27 -3.86
C SER A 29 1.18 15.70 -5.28
N SER A 30 0.89 14.42 -5.43
CA SER A 30 0.87 13.79 -6.75
C SER A 30 -0.01 14.59 -7.71
N ASN A 31 -1.21 14.96 -7.22
CA ASN A 31 -2.16 15.67 -8.08
C ASN A 31 -1.69 17.08 -8.42
N LEU A 32 -1.01 17.72 -7.49
CA LEU A 32 -0.45 19.03 -7.75
C LEU A 32 0.59 18.92 -8.87
N TYR A 33 1.47 17.94 -8.76
CA TYR A 33 2.50 17.77 -9.78
C TYR A 33 1.88 17.46 -11.13
N LEU A 34 0.84 16.64 -11.13
CA LEU A 34 0.17 16.31 -12.38
C LEU A 34 -0.47 17.56 -12.99
N GLN A 35 -1.16 18.36 -12.17
CA GLN A 35 -1.78 19.59 -12.64
C GLN A 35 -0.71 20.56 -13.17
N SER A 37 2.14 19.69 -14.47
CA SER A 37 2.62 19.16 -15.73
C SER A 37 1.72 19.58 -16.87
N ALA A 38 0.42 19.61 -16.60
CA ALA A 38 -0.55 20.06 -17.61
C ALA A 38 -0.36 21.53 -17.95
N TRP A 39 0.01 22.34 -16.97
CA TRP A 39 0.29 23.74 -17.24
C TRP A 39 1.51 23.85 -18.15
N CYS A 40 2.60 23.15 -17.80
CA CYS A 40 3.81 23.16 -18.64
C CYS A 40 3.52 22.73 -20.07
N GLU A 41 2.73 21.67 -20.22
CA GLU A 41 2.37 21.20 -21.55
C GLU A 41 1.61 22.29 -22.28
N ASP A 42 0.65 22.89 -21.58
CA ASP A 42 -0.19 23.95 -22.16
C ASP A 42 0.66 25.12 -22.66
N LYS A 43 1.77 25.38 -21.98
CA LYS A 43 2.57 26.54 -22.27
C LYS A 43 3.75 26.20 -23.16
N GLY A 44 3.78 24.96 -23.65
CA GLY A 44 4.74 24.50 -24.62
C GLY A 44 6.05 23.98 -24.04
N PHE A 45 6.06 23.72 -22.74
CA PHE A 45 7.25 23.14 -22.09
C PHE A 45 7.07 21.64 -21.88
N ASP A 46 7.23 20.87 -22.95
CA ASP A 46 7.02 19.43 -22.92
C ASP A 46 8.02 18.68 -22.06
N GLY A 47 9.25 19.17 -22.02
CA GLY A 47 10.27 18.56 -21.19
C GLY A 47 9.87 18.68 -19.72
N ALA A 48 9.51 19.89 -19.30
CA ALA A 48 9.04 20.13 -17.94
C ALA A 48 7.83 19.24 -17.64
N ALA A 49 6.91 19.14 -18.60
CA ALA A 49 5.69 18.37 -18.47
C ALA A 49 6.01 16.90 -18.23
N GLU A 50 6.86 16.34 -19.07
CA GLU A 50 7.30 14.95 -18.94
C GLU A 50 7.96 14.75 -17.58
N PHE A 51 8.73 15.73 -17.15
CA PHE A 51 9.41 15.60 -15.87
C PHE A 51 8.41 15.57 -14.72
N LEU A 52 7.47 16.51 -14.72
CA LEU A 52 6.53 16.65 -13.62
C LEU A 52 5.54 15.49 -13.60
N ARG A 53 5.19 15.00 -14.78
CA ARG A 53 4.29 13.87 -14.92
C ARG A 53 4.92 12.64 -14.26
N ALA A 54 6.20 12.43 -14.48
CA ALA A 54 6.91 11.29 -13.89
C ALA A 54 7.02 11.49 -12.38
N HIS A 55 7.20 12.74 -11.98
CA HIS A 55 7.30 13.04 -10.57
C HIS A 55 5.96 12.79 -9.84
N ALA A 56 4.85 13.10 -10.50
CA ALA A 56 3.50 12.81 -9.99
C ALA A 56 3.30 11.31 -9.80
N VAL A 57 3.75 10.53 -10.77
CA VAL A 57 3.68 9.08 -10.70
C VAL A 57 4.47 8.55 -9.49
N GLU A 58 5.70 9.04 -9.32
CA GLU A 58 6.51 8.59 -8.19
C GLU A 58 5.87 8.98 -6.85
N GLU A 59 5.31 10.18 -6.75
CA GLU A 59 4.68 10.59 -5.50
C GLU A 59 3.48 9.69 -5.20
N GLN A 61 3.35 6.61 -5.89
CA GLN A 61 3.96 5.40 -5.35
C GLN A 61 4.37 5.56 -3.88
N HIS A 62 4.83 6.74 -3.51
CA HIS A 62 5.09 7.04 -2.10
C HIS A 62 3.79 6.89 -1.31
N GLN A 64 1.09 5.19 -2.08
CA GLN A 64 0.75 3.77 -2.12
C GLN A 64 1.56 2.93 -1.13
N ARG A 65 2.84 3.26 -0.99
CA ARG A 65 3.69 2.51 -0.08
C ARG A 65 3.26 2.70 1.39
N LEU A 66 2.78 3.90 1.71
CA LEU A 66 2.28 4.20 3.05
C LEU A 66 0.94 3.49 3.26
N PHE A 67 0.07 3.59 2.26
CA PHE A 67 -1.24 2.97 2.30
C PHE A 67 -1.08 1.49 2.60
N THR A 68 -0.19 0.84 1.87
CA THR A 68 0.08 -0.59 2.06
C THR A 68 0.64 -0.89 3.45
N TYR A 69 1.61 -0.09 3.90
CA TYR A 69 2.16 -0.26 5.24
C TYR A 69 1.05 -0.22 6.30
N VAL A 70 0.21 0.81 6.26
CA VAL A 70 -0.89 0.93 7.22
C VAL A 70 -1.77 -0.31 7.25
N SER A 71 -2.24 -0.77 6.09
CA SER A 71 -3.03 -2.01 6.04
C SER A 71 -2.31 -3.19 6.64
N GLU A 72 -1.03 -3.30 6.35
CA GLU A 72 -0.25 -4.44 6.79
C GLU A 72 -0.12 -4.48 8.32
N THR A 73 -0.28 -3.33 8.97
CA THR A 73 -0.26 -3.32 10.44
C THR A 73 -1.59 -3.78 11.03
N GLY A 74 -2.60 -3.97 10.18
CA GLY A 74 -3.93 -4.33 10.64
C GLY A 74 -4.83 -3.14 10.87
N ALA A 75 -4.31 -1.94 10.63
CA ALA A 75 -5.14 -0.73 10.70
C ALA A 75 -5.74 -0.46 9.32
N LEU A 76 -6.60 0.56 9.20
CA LEU A 76 -7.30 0.84 7.95
C LEU A 76 -6.86 2.17 7.40
N PRO A 77 -6.13 2.15 6.27
CA PRO A 77 -5.78 3.47 5.70
C PRO A 77 -7.04 4.10 5.10
N ILE A 78 -7.13 5.42 5.16
CA ILE A 78 -8.34 6.11 4.75
C ILE A 78 -8.00 7.34 3.92
N LEU A 79 -8.48 7.33 2.68
CA LEU A 79 -8.35 8.48 1.81
C LEU A 79 -9.55 9.36 2.12
N GLY A 80 -9.29 10.63 2.37
CA GLY A 80 -10.34 11.62 2.43
C GLY A 80 -10.56 12.20 1.05
N ALA A 81 -11.10 13.41 1.02
CA ALA A 81 -11.27 14.18 -0.20
C ALA A 81 -9.90 14.75 -0.58
N ILE A 82 -9.52 14.70 -1.86
CA ILE A 82 -8.28 15.35 -2.29
C ILE A 82 -8.63 16.73 -2.80
N ALA A 83 -8.02 17.75 -2.21
CA ALA A 83 -8.24 19.11 -2.64
C ALA A 83 -7.85 19.35 -4.11
N ALA A 84 -8.50 20.32 -4.73
CA ALA A 84 -8.18 20.69 -6.09
C ALA A 84 -6.83 21.43 -6.10
N PRO A 85 -5.82 20.89 -6.81
CA PRO A 85 -4.55 21.62 -6.91
C PRO A 85 -4.72 22.90 -7.74
N ARG A 86 -3.93 23.91 -7.42
CA ARG A 86 -3.83 25.13 -8.21
C ARG A 86 -3.52 24.75 -9.66
N HIS A 87 -4.08 25.50 -10.61
CA HIS A 87 -3.86 25.17 -12.02
C HIS A 87 -3.35 26.36 -12.85
N ASP A 88 -3.38 27.54 -12.24
CA ASP A 88 -2.88 28.71 -12.93
C ASP A 88 -1.55 29.14 -12.33
N PHE A 89 -0.49 29.11 -13.13
CA PHE A 89 0.83 29.56 -12.69
C PHE A 89 1.30 30.71 -13.56
N ALA A 90 2.20 31.52 -13.01
CA ALA A 90 2.68 32.71 -13.70
C ALA A 90 3.78 32.40 -14.72
N SER A 91 4.60 31.39 -14.42
CA SER A 91 5.75 31.10 -15.26
C SER A 91 6.31 29.73 -14.94
N LEU A 92 7.18 29.26 -15.82
CA LEU A 92 7.84 27.98 -15.57
C LEU A 92 8.64 28.05 -14.27
N GLY A 93 9.33 29.17 -14.07
CA GLY A 93 10.16 29.35 -12.89
C GLY A 93 9.34 29.28 -11.61
N GLU A 94 8.15 29.88 -11.63
CA GLU A 94 7.27 29.82 -10.47
C GLU A 94 6.82 28.39 -10.23
N VAL A 95 6.55 27.65 -11.31
CA VAL A 95 6.15 26.25 -11.15
C VAL A 95 7.20 25.49 -10.35
N PHE A 96 8.47 25.68 -10.73
CA PHE A 96 9.53 24.91 -10.08
C PHE A 96 9.94 25.45 -8.72
N ARG A 97 9.71 26.75 -8.52
CA ARG A 97 9.87 27.29 -7.17
C ARG A 97 8.81 26.74 -6.22
N GLU A 98 7.58 26.66 -6.71
CA GLU A 98 6.48 26.08 -5.91
C GLU A 98 6.74 24.60 -5.63
N THR A 99 7.27 23.90 -6.62
CA THR A 99 7.58 22.49 -6.44
C THR A 99 8.66 22.29 -5.36
N TYR A 100 9.70 23.11 -5.41
CA TYR A 100 10.76 23.03 -4.43
C TYR A 100 10.23 23.30 -3.01
N GLN A 101 9.43 24.35 -2.85
CA GLN A 101 8.81 24.66 -1.57
C GLN A 101 7.94 23.50 -1.11
N HIS A 102 7.17 22.92 -2.04
CA HIS A 102 6.28 21.84 -1.68
C HIS A 102 7.07 20.61 -1.21
N GLU A 103 8.17 20.34 -1.88
CA GLU A 103 9.03 19.22 -1.50
C GLU A 103 9.64 19.44 -0.11
N GLN A 104 9.95 20.68 0.23
CA GLN A 104 10.47 20.98 1.55
C GLN A 104 9.39 20.71 2.60
N LYS A 105 8.14 21.00 2.24
CA LYS A 105 7.05 20.75 3.16
C LYS A 105 6.91 19.25 3.42
N ILE A 106 7.02 18.47 2.36
CA ILE A 106 6.96 17.02 2.46
C ILE A 106 8.07 16.48 3.36
N THR A 107 9.28 17.01 3.17
CA THR A 107 10.43 16.59 3.97
C THR A 107 10.20 16.88 5.45
N GLN A 108 9.71 18.09 5.73
CA GLN A 108 9.37 18.48 7.09
C GLN A 108 8.32 17.54 7.71
N GLN A 109 7.30 17.19 6.92
CA GLN A 109 6.24 16.30 7.40
C GLN A 109 6.74 14.88 7.71
N ILE A 110 7.60 14.36 6.83
CA ILE A 110 8.18 13.04 7.00
C ILE A 110 9.05 13.02 8.24
N ASN A 111 9.79 14.10 8.44
CA ASN A 111 10.61 14.22 9.62
C ASN A 111 9.81 14.28 10.91
N LYS A 112 8.71 15.03 10.91
CA LYS A 112 7.84 15.06 12.10
C LYS A 112 7.26 13.67 12.35
N LEU A 113 6.90 13.01 11.26
CA LEU A 113 6.37 11.66 11.35
C LEU A 113 7.39 10.73 12.00
N ALA A 114 8.63 10.79 11.54
CA ALA A 114 9.69 9.96 12.12
C ALA A 114 9.87 10.25 13.62
N HIS A 115 9.81 11.53 13.97
CA HIS A 115 10.01 11.91 15.35
C HIS A 115 8.91 11.34 16.22
N VAL A 116 7.68 11.41 15.70
CA VAL A 116 6.53 10.91 16.46
C VAL A 116 6.64 9.41 16.65
N ALA A 117 7.00 8.69 15.58
CA ALA A 117 7.14 7.25 15.68
C ALA A 117 8.16 6.93 16.76
N PHE A 118 9.26 7.67 16.74
CA PHE A 118 10.32 7.39 17.68
C PHE A 118 9.91 7.70 19.13
N THR A 119 9.42 8.91 19.37
CA THR A 119 9.12 9.34 20.73
C THR A 119 8.00 8.49 21.32
N SER A 120 7.29 7.78 20.47
CA SER A 120 6.25 6.90 20.99
C SER A 120 6.71 5.43 20.98
N GLN A 121 7.99 5.22 20.72
CA GLN A 121 8.59 3.89 20.68
C GLN A 121 7.99 2.92 19.65
N ASP A 122 7.42 3.49 18.59
CA ASP A 122 6.97 2.69 17.45
C ASP A 122 8.16 2.51 16.50
N TYR A 123 9.03 1.58 16.86
CA TYR A 123 10.26 1.36 16.12
C TYR A 123 9.97 0.77 14.74
N SER A 124 8.86 0.05 14.62
CA SER A 124 8.50 -0.51 13.33
C SER A 124 8.16 0.60 12.33
N THR A 125 7.35 1.54 12.77
CA THR A 125 7.00 2.66 11.90
C THR A 125 8.22 3.52 11.66
N PHE A 126 9.02 3.74 12.72
CA PHE A 126 10.26 4.50 12.55
C PHE A 126 11.15 3.83 11.50
N ASN A 127 11.30 2.52 11.63
CA ASN A 127 12.07 1.76 10.65
C ASN A 127 11.46 1.94 9.25
N PHE A 128 10.15 1.80 9.15
CA PHE A 128 9.48 1.98 7.85
C PHE A 128 9.75 3.35 7.21
N LEU A 129 9.72 4.41 8.00
CA LEU A 129 9.86 5.76 7.45
C LEU A 129 11.26 6.09 6.93
N GLN A 130 12.24 5.28 7.31
CA GLN A 130 13.61 5.52 6.85
C GLN A 130 13.69 5.61 5.33
N TRP A 131 12.93 4.78 4.63
CA TRP A 131 12.87 4.86 3.17
C TRP A 131 12.51 6.27 2.67
N TYR A 132 11.48 6.85 3.25
CA TYR A 132 11.05 8.21 2.93
C TYR A 132 12.07 9.25 3.33
N VAL A 133 12.63 9.11 4.52
CA VAL A 133 13.68 10.02 4.95
C VAL A 133 14.78 10.09 3.89
N ALA A 134 15.24 8.92 3.45
CA ALA A 134 16.27 8.83 2.43
C ALA A 134 15.79 9.39 1.09
N GLU A 135 14.55 9.08 0.71
CA GLU A 135 14.02 9.52 -0.58
C GLU A 135 13.92 11.05 -0.67
N GLN A 136 13.42 11.69 0.39
CA GLN A 136 13.34 13.16 0.41
C GLN A 136 14.72 13.83 0.37
N HIS A 137 15.76 13.11 0.81
CA HIS A 137 17.12 13.62 0.69
C HIS A 137 17.46 13.82 -0.79
N GLU A 138 17.15 12.82 -1.60
CA GLU A 138 17.40 12.88 -3.03
C GLU A 138 16.60 14.02 -3.66
N GLU A 139 15.32 14.12 -3.28
CA GLU A 139 14.42 15.10 -3.89
C GLU A 139 14.92 16.54 -3.85
N GLU A 140 15.51 16.93 -2.73
CA GLU A 140 15.81 18.34 -2.52
C GLU A 140 17.03 18.75 -3.34
N LYS A 141 17.98 17.83 -3.47
CA LYS A 141 19.13 18.03 -4.35
C LYS A 141 18.62 18.23 -5.79
N LEU A 142 17.68 17.40 -6.20
CA LEU A 142 17.17 17.41 -7.56
C LEU A 142 16.49 18.75 -7.87
N PHE A 143 15.59 19.18 -6.98
CA PHE A 143 14.81 20.38 -7.24
C PHE A 143 15.57 21.67 -7.04
N LYS A 144 16.53 21.68 -6.11
CA LYS A 144 17.41 22.82 -5.94
C LYS A 144 18.26 23.02 -7.21
N GLY A 145 18.75 21.93 -7.78
CA GLY A 145 19.53 21.97 -8.99
C GLY A 145 18.74 22.61 -10.13
N ILE A 146 17.44 22.32 -10.19
CA ILE A 146 16.62 22.98 -11.21
C ILE A 146 16.55 24.48 -10.98
N LEU A 147 16.40 24.89 -9.72
CA LEU A 147 16.36 26.32 -9.41
C LEU A 147 17.72 26.98 -9.69
N ASP A 148 18.81 26.25 -9.42
CA ASP A 148 20.15 26.73 -9.75
C ASP A 148 20.31 26.95 -11.26
N LYS A 149 19.75 26.07 -12.07
CA LYS A 149 19.76 26.28 -13.53
C LYS A 149 19.08 27.59 -13.92
N LEU A 150 17.84 27.76 -13.43
CA LEU A 150 17.07 28.97 -13.70
C LEU A 150 17.82 30.22 -13.29
N GLU A 151 18.51 30.10 -12.16
CA GLU A 151 19.30 31.19 -11.62
C GLU A 151 20.47 31.49 -12.55
N LEU A 152 21.08 30.44 -13.06
CA LEU A 152 22.26 30.56 -13.92
C LEU A 152 21.93 31.18 -15.27
N VAL A 153 20.97 30.58 -15.98
CA VAL A 153 20.70 30.99 -17.36
C VAL A 153 19.60 32.05 -17.49
N GLY A 154 18.86 32.28 -16.42
CA GLY A 154 17.77 33.25 -16.45
C GLY A 154 16.45 32.64 -16.90
N GLU A 155 15.47 33.51 -17.14
CA GLU A 155 14.14 33.04 -17.46
C GLU A 155 13.57 33.65 -18.73
N ASP A 156 14.45 34.15 -19.58
CA ASP A 156 14.06 34.56 -20.93
C ASP A 156 13.71 33.31 -21.77
N GLY A 157 13.03 33.50 -22.91
CA GLY A 157 12.59 32.39 -23.73
C GLY A 157 13.65 31.38 -24.14
N LYS A 158 14.80 31.87 -24.58
CA LYS A 158 15.95 31.02 -24.88
C LYS A 158 16.43 30.18 -23.69
N ALA A 159 16.59 30.83 -22.55
CA ALA A 159 16.93 30.11 -21.31
C ALA A 159 15.92 28.98 -21.02
N LEU A 160 14.63 29.30 -21.08
CA LEU A 160 13.63 28.29 -20.77
C LEU A 160 13.63 27.17 -21.81
N PHE A 161 13.99 27.51 -23.04
CA PHE A 161 14.03 26.53 -24.12
C PHE A 161 15.09 25.47 -23.77
N PHE A 162 16.26 25.93 -23.34
CA PHE A 162 17.34 25.01 -22.96
C PHE A 162 17.06 24.26 -21.63
N ILE A 163 16.48 24.96 -20.67
CA ILE A 163 16.12 24.31 -19.41
C ILE A 163 15.10 23.21 -19.67
N ASP A 164 14.14 23.50 -20.55
CA ASP A 164 13.12 22.52 -20.87
C ASP A 164 13.69 21.22 -21.43
N LYS A 165 14.74 21.34 -22.26
CA LYS A 165 15.48 20.17 -22.74
C LYS A 165 16.18 19.38 -21.63
N ASP A 166 16.83 20.08 -20.69
CA ASP A 166 17.42 19.39 -19.53
C ASP A 166 16.33 18.65 -18.71
N LEU A 167 15.16 19.27 -18.57
CA LEU A 167 14.09 18.57 -17.82
C LEU A 167 13.63 17.34 -18.58
N ALA A 168 13.53 17.44 -19.90
CA ALA A 168 13.18 16.28 -20.72
C ALA A 168 14.18 15.14 -20.43
N ALA A 169 15.47 15.48 -20.33
CA ALA A 169 16.50 14.46 -20.07
C ALA A 169 16.40 13.86 -18.67
N LEU A 170 16.18 14.70 -17.67
CA LEU A 170 16.00 14.22 -16.29
C LEU A 170 14.86 13.22 -16.19
N ALA A 171 13.84 13.40 -17.02
CA ALA A 171 12.66 12.53 -17.00
C ALA A 171 13.03 11.12 -17.46
N LYS A 172 13.70 11.01 -18.60
CA LYS A 172 14.09 9.70 -19.16
C LYS A 172 14.98 8.95 -18.17
N LYS A 173 15.72 9.69 -17.36
CA LYS A 173 16.65 9.09 -16.40
C LYS A 173 15.91 8.38 -15.27
N LEU B 11 29.61 -4.46 23.91
CA LEU B 11 28.27 -4.57 24.49
C LEU B 11 28.32 -4.46 26.00
N SER B 12 27.39 -3.70 26.56
CA SER B 12 27.27 -3.61 28.01
C SER B 12 26.95 -4.98 28.62
N GLN B 13 27.43 -5.19 29.83
CA GLN B 13 27.12 -6.41 30.56
C GLN B 13 25.63 -6.68 30.51
N ALA B 14 24.84 -5.63 30.71
CA ALA B 14 23.38 -5.77 30.72
C ALA B 14 22.80 -6.13 29.36
N VAL B 16 24.32 -7.74 26.93
CA VAL B 16 24.64 -9.14 26.70
C VAL B 16 23.57 -10.03 27.33
N GLU B 17 23.20 -9.72 28.57
CA GLU B 17 22.14 -10.46 29.24
C GLU B 17 20.79 -10.34 28.53
N HIS B 18 20.46 -9.16 28.03
CA HIS B 18 19.20 -8.99 27.29
C HIS B 18 19.19 -9.84 26.03
N LEU B 19 20.32 -9.83 25.33
CA LEU B 19 20.43 -10.54 24.07
C LEU B 19 20.42 -12.04 24.33
N ASN B 20 21.16 -12.47 25.34
CA ASN B 20 21.18 -13.86 25.72
C ASN B 20 19.79 -14.38 26.09
N GLU B 21 19.02 -13.54 26.78
CA GLU B 21 17.66 -13.94 27.14
C GLU B 21 16.81 -14.08 25.88
N GLN B 22 16.98 -13.16 24.93
CA GLN B 22 16.23 -13.24 23.68
C GLN B 22 16.65 -14.47 22.89
N ILE B 23 17.94 -14.79 22.91
CA ILE B 23 18.42 -16.03 22.27
C ILE B 23 17.64 -17.22 22.84
N ASN B 24 17.51 -17.28 24.16
CA ASN B 24 16.77 -18.35 24.81
C ASN B 24 15.28 -18.35 24.42
N LEU B 25 14.65 -17.17 24.39
CA LEU B 25 13.24 -17.05 24.00
C LEU B 25 13.00 -17.56 22.57
N GLU B 26 13.89 -17.17 21.66
CA GLU B 26 13.79 -17.59 20.27
C GLU B 26 13.93 -19.10 20.15
N PHE B 27 14.83 -19.67 20.94
CA PHE B 27 15.01 -21.11 20.92
C PHE B 27 13.72 -21.80 21.37
N PHE B 28 13.19 -21.36 22.49
CA PHE B 28 11.96 -21.93 23.00
C PHE B 28 10.83 -21.75 21.99
N SER B 29 10.77 -20.56 21.39
CA SER B 29 9.74 -20.27 20.38
C SER B 29 9.81 -21.29 19.26
N SER B 30 11.03 -21.57 18.80
CA SER B 30 11.23 -22.55 17.74
C SER B 30 10.68 -23.91 18.17
N ASN B 31 11.06 -24.36 19.36
CA ASN B 31 10.59 -25.64 19.88
C ASN B 31 9.07 -25.69 20.09
N LEU B 32 8.50 -24.57 20.51
CA LEU B 32 7.06 -24.48 20.65
C LEU B 32 6.38 -24.78 19.30
N TYR B 33 6.85 -24.10 18.25
CA TYR B 33 6.28 -24.29 16.92
C TYR B 33 6.51 -25.71 16.39
N LEU B 34 7.67 -26.28 16.67
CA LEU B 34 7.92 -27.68 16.30
C LEU B 34 6.96 -28.63 17.02
N GLN B 35 6.77 -28.42 18.31
CA GLN B 35 5.86 -29.26 19.10
C GLN B 35 4.43 -29.13 18.56
N SER B 37 3.61 -28.37 15.56
CA SER B 37 3.53 -28.99 14.25
C SER B 37 3.23 -30.49 14.42
N ALA B 38 3.78 -31.07 15.47
CA ALA B 38 3.56 -32.48 15.75
C ALA B 38 2.12 -32.75 16.19
N TRP B 39 1.57 -31.85 17.01
CA TRP B 39 0.16 -31.97 17.36
C TRP B 39 -0.66 -31.98 16.07
N CYS B 40 -0.38 -31.02 15.20
CA CYS B 40 -1.11 -30.89 13.94
C CYS B 40 -1.07 -32.17 13.10
N GLU B 41 0.11 -32.67 12.86
CA GLU B 41 0.29 -33.92 12.13
C GLU B 41 -0.42 -35.08 12.82
N ASP B 42 -0.41 -35.07 14.15
CA ASP B 42 -1.08 -36.11 14.92
C ASP B 42 -2.60 -36.08 14.70
N LYS B 43 -3.13 -34.88 14.54
CA LYS B 43 -4.58 -34.71 14.35
C LYS B 43 -4.99 -34.72 12.88
N GLY B 44 -4.01 -34.91 11.99
CA GLY B 44 -4.29 -35.05 10.57
C GLY B 44 -4.25 -33.73 9.79
N PHE B 45 -3.71 -32.69 10.40
CA PHE B 45 -3.59 -31.41 9.70
C PHE B 45 -2.17 -31.22 9.18
N ASP B 46 -1.88 -31.89 8.07
CA ASP B 46 -0.56 -31.90 7.47
C ASP B 46 -0.14 -30.54 6.89
N GLY B 47 -1.11 -29.83 6.33
CA GLY B 47 -0.85 -28.47 5.87
C GLY B 47 -0.33 -27.65 7.03
N ALA B 48 -1.08 -27.66 8.12
CA ALA B 48 -0.72 -26.91 9.31
C ALA B 48 0.61 -27.37 9.89
N ALA B 49 0.85 -28.68 9.91
CA ALA B 49 2.12 -29.20 10.40
C ALA B 49 3.26 -28.68 9.55
N GLU B 50 3.11 -28.75 8.23
N GLU B 50 3.08 -28.75 8.22
CA GLU B 50 4.14 -28.29 7.31
CA GLU B 50 4.08 -28.32 7.26
C GLU B 50 4.45 -26.83 7.57
C GLU B 50 4.41 -26.83 7.43
N PHE B 51 3.40 -26.03 7.70
CA PHE B 51 3.55 -24.60 7.88
C PHE B 51 4.32 -24.29 9.16
N LEU B 52 3.93 -24.93 10.24
CA LEU B 52 4.52 -24.67 11.54
C LEU B 52 5.95 -25.20 11.60
N ARG B 53 6.18 -26.30 10.90
CA ARG B 53 7.49 -26.91 10.84
C ARG B 53 8.49 -25.93 10.22
N ALA B 54 8.09 -25.33 9.10
CA ALA B 54 8.90 -24.32 8.41
C ALA B 54 9.05 -23.08 9.28
N HIS B 55 7.99 -22.72 10.00
CA HIS B 55 8.06 -21.60 10.91
C HIS B 55 9.04 -21.86 12.06
N ALA B 56 9.12 -23.11 12.54
CA ALA B 56 10.07 -23.46 13.58
C ALA B 56 11.51 -23.30 13.07
N VAL B 57 11.75 -23.72 11.83
CA VAL B 57 13.05 -23.54 11.22
C VAL B 57 13.38 -22.05 11.10
N GLU B 58 12.44 -21.26 10.57
CA GLU B 58 12.63 -19.82 10.46
C GLU B 58 13.04 -19.25 11.82
N GLU B 59 12.35 -19.65 12.87
CA GLU B 59 12.62 -19.10 14.20
C GLU B 59 13.99 -19.51 14.71
N GLN B 61 16.48 -19.81 12.91
CA GLN B 61 17.38 -18.92 12.19
C GLN B 61 17.48 -17.54 12.84
N HIS B 62 16.34 -17.01 13.30
CA HIS B 62 16.32 -15.78 14.09
C HIS B 62 17.24 -15.95 15.30
N GLN B 64 19.83 -18.09 15.66
CA GLN B 64 21.20 -18.16 15.17
C GLN B 64 21.79 -16.79 14.83
N ARG B 65 20.99 -15.96 14.17
CA ARG B 65 21.42 -14.62 13.79
C ARG B 65 21.85 -13.80 15.02
N LEU B 66 21.07 -13.88 16.08
CA LEU B 66 21.35 -13.16 17.32
C LEU B 66 22.58 -13.74 18.00
N PHE B 67 22.63 -15.07 18.03
CA PHE B 67 23.74 -15.80 18.61
C PHE B 67 25.05 -15.33 17.97
N THR B 68 25.02 -15.23 16.65
CA THR B 68 26.20 -14.87 15.88
C THR B 68 26.55 -13.40 16.14
N TYR B 69 25.53 -12.54 16.18
CA TYR B 69 25.79 -11.15 16.49
C TYR B 69 26.53 -11.01 17.81
N VAL B 70 26.00 -11.65 18.85
CA VAL B 70 26.63 -11.55 20.16
C VAL B 70 28.11 -11.98 20.07
N SER B 71 28.37 -13.14 19.46
CA SER B 71 29.74 -13.64 19.32
C SER B 71 30.64 -12.66 18.61
N GLU B 72 30.11 -12.04 17.55
CA GLU B 72 30.90 -11.15 16.72
C GLU B 72 31.25 -9.84 17.44
N THR B 73 30.45 -9.47 18.44
CA THR B 73 30.80 -8.29 19.23
C THR B 73 31.98 -8.57 20.18
N GLY B 74 32.27 -9.85 20.41
CA GLY B 74 33.34 -10.22 21.31
C GLY B 74 32.82 -10.83 22.60
N ALA B 75 31.51 -10.72 22.80
CA ALA B 75 30.87 -11.29 23.98
C ALA B 75 30.59 -12.77 23.77
N LEU B 76 30.10 -13.43 24.82
CA LEU B 76 29.83 -14.86 24.75
C LEU B 76 28.33 -15.13 24.82
N PRO B 77 27.75 -15.61 23.72
CA PRO B 77 26.34 -16.00 23.81
C PRO B 77 26.22 -17.23 24.69
N ILE B 78 25.10 -17.35 25.39
CA ILE B 78 24.92 -18.47 26.29
C ILE B 78 23.52 -19.04 26.13
N LEU B 79 23.47 -20.26 25.61
CA LEU B 79 22.24 -21.02 25.56
C LEU B 79 22.00 -21.53 26.97
N GLY B 80 20.90 -21.10 27.56
CA GLY B 80 20.48 -21.60 28.85
C GLY B 80 19.71 -22.88 28.64
N ALA B 81 18.93 -23.27 29.64
CA ALA B 81 18.09 -24.43 29.52
C ALA B 81 16.80 -24.00 28.81
N ILE B 82 16.27 -24.88 27.97
CA ILE B 82 15.05 -24.59 27.23
C ILE B 82 13.93 -25.41 27.82
N ALA B 83 12.91 -24.72 28.33
CA ALA B 83 11.74 -25.36 28.90
C ALA B 83 11.05 -26.23 27.86
N ALA B 84 10.29 -27.21 28.35
CA ALA B 84 9.52 -28.07 27.47
C ALA B 84 8.30 -27.28 26.99
N PRO B 85 8.07 -27.28 25.67
CA PRO B 85 6.86 -26.61 25.16
C PRO B 85 5.63 -27.42 25.45
N ARG B 86 4.48 -26.74 25.50
CA ARG B 86 3.19 -27.36 25.62
C ARG B 86 3.07 -28.34 24.45
N HIS B 87 2.52 -29.54 24.69
CA HIS B 87 2.28 -30.48 23.61
C HIS B 87 0.82 -30.88 23.52
N ASP B 88 0.03 -30.34 24.44
CA ASP B 88 -1.39 -30.62 24.48
C ASP B 88 -2.22 -29.41 24.07
N PHE B 89 -2.93 -29.54 22.96
CA PHE B 89 -3.80 -28.48 22.49
C PHE B 89 -5.22 -28.96 22.29
N ALA B 90 -6.17 -28.03 22.39
CA ALA B 90 -7.59 -28.36 22.31
C ALA B 90 -8.07 -28.56 20.87
N SER B 91 -7.47 -27.81 19.94
CA SER B 91 -7.97 -27.77 18.57
C SER B 91 -7.00 -26.98 17.71
N LEU B 92 -7.19 -27.07 16.41
CA LEU B 92 -6.33 -26.36 15.47
C LEU B 92 -6.44 -24.87 15.70
N GLY B 93 -7.67 -24.40 15.96
CA GLY B 93 -7.90 -23.01 16.26
C GLY B 93 -7.08 -22.51 17.43
N GLU B 94 -7.00 -23.30 18.49
CA GLU B 94 -6.25 -22.91 19.67
C GLU B 94 -4.76 -22.85 19.32
N VAL B 95 -4.28 -23.82 18.55
CA VAL B 95 -2.89 -23.84 18.14
C VAL B 95 -2.53 -22.49 17.53
N PHE B 96 -3.36 -22.01 16.61
CA PHE B 96 -3.05 -20.78 15.90
C PHE B 96 -3.35 -19.51 16.67
N ARG B 97 -4.27 -19.56 17.62
CA ARG B 97 -4.44 -18.45 18.54
C ARG B 97 -3.22 -18.30 19.44
N GLU B 98 -2.71 -19.44 19.94
CA GLU B 98 -1.53 -19.44 20.79
C GLU B 98 -0.31 -18.90 20.03
N THR B 99 -0.20 -19.26 18.76
CA THR B 99 0.94 -18.82 17.96
C THR B 99 0.89 -17.30 17.73
N TYR B 100 -0.27 -16.80 17.32
CA TYR B 100 -0.46 -15.37 17.17
C TYR B 100 -0.13 -14.62 18.46
N GLN B 101 -0.63 -15.14 19.59
CA GLN B 101 -0.32 -14.53 20.90
C GLN B 101 1.19 -14.58 21.13
N HIS B 102 1.81 -15.71 20.81
CA HIS B 102 3.23 -15.86 21.06
C HIS B 102 4.03 -14.89 20.21
N GLU B 103 3.63 -14.76 18.94
CA GLU B 103 4.32 -13.86 18.03
C GLU B 103 4.26 -12.43 18.54
N GLN B 104 3.15 -12.09 19.17
CA GLN B 104 2.97 -10.74 19.71
C GLN B 104 3.92 -10.51 20.88
N LYS B 105 4.14 -11.55 21.66
CA LYS B 105 5.09 -11.49 22.76
C LYS B 105 6.52 -11.26 22.24
N ILE B 106 6.85 -11.93 21.14
CA ILE B 106 8.19 -11.83 20.57
C ILE B 106 8.36 -10.41 20.04
N THR B 107 7.32 -9.90 19.40
CA THR B 107 7.36 -8.55 18.86
C THR B 107 7.64 -7.57 19.98
N GLN B 108 6.97 -7.77 21.11
CA GLN B 108 7.10 -6.86 22.25
C GLN B 108 8.49 -6.94 22.85
N GLN B 109 9.03 -8.15 22.96
CA GLN B 109 10.39 -8.33 23.46
C GLN B 109 11.40 -7.68 22.53
N ILE B 110 11.23 -7.86 21.23
CA ILE B 110 12.10 -7.20 20.26
C ILE B 110 12.09 -5.67 20.44
N ASN B 111 10.88 -5.10 20.55
CA ASN B 111 10.75 -3.65 20.78
C ASN B 111 11.43 -3.17 22.05
N LYS B 112 11.35 -3.98 23.12
CA LYS B 112 12.00 -3.62 24.39
C LYS B 112 13.52 -3.61 24.21
N LEU B 113 14.02 -4.63 23.53
CA LEU B 113 15.46 -4.72 23.27
C LEU B 113 15.95 -3.52 22.48
N ALA B 114 15.17 -3.16 21.46
CA ALA B 114 15.45 -2.01 20.61
C ALA B 114 15.49 -0.75 21.47
N HIS B 115 14.54 -0.63 22.38
CA HIS B 115 14.45 0.55 23.19
C HIS B 115 15.62 0.62 24.17
N VAL B 116 15.99 -0.53 24.72
CA VAL B 116 17.10 -0.56 25.66
C VAL B 116 18.40 -0.22 24.92
N ALA B 117 18.55 -0.75 23.70
CA ALA B 117 19.71 -0.44 22.86
C ALA B 117 19.80 1.07 22.60
N PHE B 118 18.70 1.66 22.14
CA PHE B 118 18.70 3.09 21.89
C PHE B 118 19.04 3.89 23.14
N THR B 119 18.34 3.59 24.22
CA THR B 119 18.52 4.26 25.50
C THR B 119 19.96 4.19 25.97
N SER B 120 20.63 3.10 25.62
CA SER B 120 22.01 2.85 25.99
C SER B 120 22.97 3.58 25.08
N GLN B 121 22.42 4.24 24.07
CA GLN B 121 23.22 4.78 22.98
C GLN B 121 24.07 3.70 22.32
N ASP B 122 23.56 2.47 22.36
CA ASP B 122 24.20 1.36 21.63
C ASP B 122 23.64 1.36 20.21
N TYR B 123 24.12 2.28 19.38
CA TYR B 123 23.56 2.43 18.04
C TYR B 123 23.83 1.20 17.17
N SER B 124 24.93 0.51 17.43
CA SER B 124 25.24 -0.73 16.73
C SER B 124 24.14 -1.79 16.91
N THR B 125 23.81 -2.08 18.15
CA THR B 125 22.81 -3.11 18.42
C THR B 125 21.42 -2.67 17.96
N PHE B 126 21.10 -1.39 18.13
CA PHE B 126 19.86 -0.84 17.59
C PHE B 126 19.76 -1.11 16.09
N ASN B 127 20.81 -0.73 15.39
CA ASN B 127 20.91 -0.99 13.96
C ASN B 127 20.67 -2.48 13.67
N PHE B 128 21.39 -3.35 14.37
CA PHE B 128 21.25 -4.77 14.18
C PHE B 128 19.81 -5.26 14.36
N LEU B 129 19.13 -4.74 15.38
CA LEU B 129 17.78 -5.19 15.70
C LEU B 129 16.74 -4.79 14.63
N GLN B 130 17.12 -3.91 13.70
CA GLN B 130 16.16 -3.42 12.72
C GLN B 130 15.63 -4.52 11.81
N TRP B 131 16.49 -5.48 11.50
CA TRP B 131 16.07 -6.66 10.75
C TRP B 131 14.91 -7.38 11.46
N TYR B 132 15.02 -7.49 12.79
CA TYR B 132 13.99 -8.15 13.58
C TYR B 132 12.71 -7.35 13.64
N VAL B 133 12.83 -6.04 13.88
CA VAL B 133 11.66 -5.17 13.87
C VAL B 133 10.85 -5.35 12.58
N ALA B 134 11.55 -5.36 11.45
CA ALA B 134 10.91 -5.55 10.14
C ALA B 134 10.26 -6.94 10.01
N GLU B 135 11.00 -7.97 10.38
CA GLU B 135 10.50 -9.34 10.32
C GLU B 135 9.19 -9.52 11.08
N GLN B 136 9.14 -8.99 12.32
CA GLN B 136 7.94 -9.09 13.14
C GLN B 136 6.71 -8.39 12.53
N HIS B 137 6.94 -7.29 11.83
CA HIS B 137 5.85 -6.65 11.08
C HIS B 137 5.23 -7.67 10.09
N GLU B 138 6.09 -8.34 9.33
CA GLU B 138 5.67 -9.38 8.41
C GLU B 138 4.91 -10.49 9.14
N GLU B 139 5.53 -11.02 10.19
CA GLU B 139 4.98 -12.16 10.93
C GLU B 139 3.56 -11.92 11.44
N GLU B 140 3.29 -10.75 11.96
CA GLU B 140 1.98 -10.49 12.56
C GLU B 140 0.88 -10.38 11.51
N LYS B 141 1.19 -9.77 10.38
CA LYS B 141 0.27 -9.76 9.25
C LYS B 141 -0.07 -11.20 8.87
N LEU B 142 0.97 -12.02 8.76
CA LEU B 142 0.81 -13.42 8.40
C LEU B 142 -0.12 -14.18 9.36
N PHE B 143 0.11 -14.02 10.66
CA PHE B 143 -0.62 -14.82 11.63
C PHE B 143 -2.02 -14.32 11.90
N LYS B 144 -2.20 -13.00 11.83
CA LYS B 144 -3.53 -12.42 11.93
C LYS B 144 -4.38 -12.89 10.75
N GLY B 145 -3.74 -13.08 9.60
CA GLY B 145 -4.43 -13.54 8.40
C GLY B 145 -5.04 -14.91 8.64
N ILE B 146 -4.33 -15.74 9.39
CA ILE B 146 -4.79 -17.09 9.68
C ILE B 146 -5.95 -17.08 10.67
N LEU B 147 -5.88 -16.23 11.68
CA LEU B 147 -7.00 -16.08 12.58
C LEU B 147 -8.23 -15.55 11.85
N ASP B 148 -8.04 -14.62 10.92
CA ASP B 148 -9.15 -14.10 10.14
C ASP B 148 -9.85 -15.22 9.37
N LYS B 149 -9.07 -16.08 8.72
CA LYS B 149 -9.61 -17.24 8.01
C LYS B 149 -10.41 -18.19 8.92
N LEU B 150 -9.92 -18.41 10.13
CA LEU B 150 -10.64 -19.26 11.09
C LEU B 150 -11.96 -18.62 11.46
N GLU B 151 -11.92 -17.30 11.63
CA GLU B 151 -13.10 -16.51 11.95
C GLU B 151 -14.12 -16.62 10.81
N LEU B 152 -13.65 -16.46 9.59
CA LEU B 152 -14.52 -16.47 8.42
C LEU B 152 -15.21 -17.82 8.25
N VAL B 153 -14.40 -18.87 8.22
CA VAL B 153 -14.88 -20.20 7.85
C VAL B 153 -15.48 -21.02 9.00
N GLY B 154 -15.05 -20.75 10.23
CA GLY B 154 -15.52 -21.54 11.35
C GLY B 154 -14.53 -22.65 11.64
N GLU B 155 -14.92 -23.56 12.52
CA GLU B 155 -13.97 -24.57 13.01
C GLU B 155 -14.57 -25.96 13.01
N ASP B 156 -15.59 -26.14 12.17
CA ASP B 156 -16.14 -27.45 11.88
C ASP B 156 -15.13 -28.20 10.97
N GLY B 157 -15.36 -29.49 10.77
CA GLY B 157 -14.42 -30.34 10.06
C GLY B 157 -14.10 -29.87 8.65
N LYS B 158 -15.15 -29.53 7.89
CA LYS B 158 -14.96 -29.08 6.52
C LYS B 158 -14.18 -27.79 6.49
N ALA B 159 -14.51 -26.88 7.42
CA ALA B 159 -13.76 -25.66 7.59
C ALA B 159 -12.28 -25.94 7.75
N LEU B 160 -11.93 -26.74 8.75
CA LEU B 160 -10.53 -27.01 9.02
C LEU B 160 -9.84 -27.66 7.82
N PHE B 161 -10.60 -28.49 7.11
CA PHE B 161 -10.09 -29.18 5.94
C PHE B 161 -9.55 -28.19 4.91
N PHE B 162 -10.31 -27.12 4.68
CA PHE B 162 -9.92 -26.14 3.68
C PHE B 162 -8.83 -25.21 4.19
N ILE B 163 -8.89 -24.88 5.47
CA ILE B 163 -7.85 -24.02 6.04
C ILE B 163 -6.50 -24.73 5.98
N ASP B 164 -6.50 -26.01 6.31
CA ASP B 164 -5.28 -26.80 6.26
C ASP B 164 -4.64 -26.76 4.86
N LYS B 165 -5.47 -26.78 3.82
CA LYS B 165 -4.97 -26.62 2.46
C LYS B 165 -4.28 -25.27 2.29
N ASP B 166 -4.92 -24.19 2.72
CA ASP B 166 -4.28 -22.89 2.66
C ASP B 166 -2.94 -22.88 3.43
N LEU B 167 -2.88 -23.56 4.56
CA LEU B 167 -1.63 -23.58 5.32
C LEU B 167 -0.50 -24.27 4.55
N ALA B 168 -0.80 -25.41 3.92
CA ALA B 168 0.21 -26.12 3.15
C ALA B 168 0.76 -25.21 2.05
N ALA B 169 -0.14 -24.47 1.41
CA ALA B 169 0.26 -23.54 0.35
C ALA B 169 1.12 -22.41 0.89
N LEU B 170 0.75 -21.88 2.05
CA LEU B 170 1.54 -20.85 2.70
C LEU B 170 2.93 -21.39 2.98
N ALA B 171 2.99 -22.66 3.33
CA ALA B 171 4.27 -23.30 3.65
C ALA B 171 5.21 -23.26 2.45
N LYS B 172 4.65 -23.32 1.25
CA LYS B 172 5.45 -23.26 0.03
C LYS B 172 5.65 -21.83 -0.45
N LEU C 11 -11.67 21.74 -29.30
CA LEU C 11 -12.77 21.37 -28.40
C LEU C 11 -13.62 22.58 -28.02
N SER C 12 -14.93 22.41 -27.98
CA SER C 12 -15.79 23.46 -27.43
C SER C 12 -15.52 23.59 -25.93
N GLN C 13 -15.81 24.75 -25.36
CA GLN C 13 -15.64 24.94 -23.92
C GLN C 13 -16.50 23.95 -23.16
N ALA C 14 -17.69 23.68 -23.70
CA ALA C 14 -18.61 22.75 -23.07
C ALA C 14 -18.02 21.35 -23.06
N VAL C 16 -14.84 20.53 -23.12
CA VAL C 16 -13.72 20.52 -22.20
C VAL C 16 -14.22 20.29 -20.77
N GLU C 17 -15.28 21.00 -20.41
CA GLU C 17 -15.91 20.82 -19.11
C GLU C 17 -16.40 19.40 -18.87
N HIS C 18 -17.03 18.81 -19.88
CA HIS C 18 -17.54 17.45 -19.79
C HIS C 18 -16.40 16.44 -19.62
N LEU C 19 -15.33 16.65 -20.38
CA LEU C 19 -14.18 15.76 -20.32
C LEU C 19 -13.49 15.87 -18.97
N ASN C 20 -13.35 17.10 -18.47
CA ASN C 20 -12.74 17.33 -17.16
C ASN C 20 -13.57 16.68 -16.05
N GLU C 21 -14.89 16.72 -16.21
CA GLU C 21 -15.78 16.08 -15.25
C GLU C 21 -15.57 14.59 -15.26
N GLN C 22 -15.38 14.02 -16.43
CA GLN C 22 -15.13 12.58 -16.56
C GLN C 22 -13.75 12.21 -16.03
N ILE C 23 -12.77 13.06 -16.25
CA ILE C 23 -11.43 12.87 -15.67
C ILE C 23 -11.56 12.78 -14.14
N ASN C 24 -12.33 13.70 -13.58
CA ASN C 24 -12.58 13.72 -12.15
C ASN C 24 -13.28 12.45 -11.66
N LEU C 25 -14.36 12.05 -12.34
CA LEU C 25 -15.03 10.78 -12.02
C LEU C 25 -14.10 9.56 -12.09
N GLU C 26 -13.25 9.50 -13.12
CA GLU C 26 -12.32 8.38 -13.24
C GLU C 26 -11.34 8.35 -12.06
N PHE C 27 -10.86 9.52 -11.66
CA PHE C 27 -9.98 9.59 -10.51
C PHE C 27 -10.70 9.07 -9.27
N PHE C 28 -11.90 9.60 -9.04
CA PHE C 28 -12.70 9.12 -7.94
C PHE C 28 -12.89 7.60 -7.97
N SER C 29 -13.22 7.07 -9.14
CA SER C 29 -13.45 5.63 -9.30
C SER C 29 -12.26 4.82 -8.83
N SER C 30 -11.07 5.22 -9.30
CA SER C 30 -9.85 4.57 -8.85
C SER C 30 -9.74 4.62 -7.33
N ASN C 31 -9.99 5.79 -6.74
CA ASN C 31 -9.90 5.92 -5.28
C ASN C 31 -10.95 5.06 -4.55
N LEU C 32 -12.13 4.92 -5.15
CA LEU C 32 -13.19 4.08 -4.57
C LEU C 32 -12.72 2.62 -4.52
N TYR C 33 -12.18 2.14 -5.63
CA TYR C 33 -11.72 0.76 -5.67
C TYR C 33 -10.54 0.55 -4.73
N LEU C 34 -9.68 1.55 -4.62
CA LEU C 34 -8.53 1.45 -3.74
C LEU C 34 -9.03 1.39 -2.29
N GLN C 35 -9.96 2.28 -1.92
CA GLN C 35 -10.50 2.30 -0.56
C GLN C 35 -11.20 0.99 -0.25
N SER C 37 -10.50 -1.92 -1.59
CA SER C 37 -9.53 -2.98 -1.47
C SER C 37 -9.00 -3.01 -0.04
N ALA C 38 -8.86 -1.85 0.59
CA ALA C 38 -8.39 -1.75 1.96
C ALA C 38 -9.39 -2.38 2.95
N TRP C 39 -10.67 -2.16 2.69
CA TRP C 39 -11.70 -2.76 3.56
C TRP C 39 -11.62 -4.26 3.41
N CYS C 40 -11.46 -4.72 2.16
CA CYS C 40 -11.40 -6.15 1.92
C CYS C 40 -10.24 -6.78 2.67
N GLU C 41 -9.07 -6.15 2.57
CA GLU C 41 -7.89 -6.67 3.23
C GLU C 41 -8.06 -6.67 4.75
N ASP C 42 -8.66 -5.60 5.26
CA ASP C 42 -8.91 -5.45 6.68
C ASP C 42 -9.81 -6.56 7.23
N LYS C 43 -10.69 -7.08 6.38
CA LYS C 43 -11.63 -8.12 6.80
C LYS C 43 -11.14 -9.50 6.43
N GLY C 44 -9.97 -9.56 5.81
CA GLY C 44 -9.35 -10.83 5.50
C GLY C 44 -9.69 -11.40 4.13
N PHE C 45 -10.29 -10.58 3.27
CA PHE C 45 -10.57 -11.02 1.91
C PHE C 45 -9.44 -10.55 0.97
N ASP C 46 -8.32 -11.26 1.01
CA ASP C 46 -7.14 -10.86 0.27
C ASP C 46 -7.32 -11.01 -1.24
N GLY C 47 -8.07 -12.02 -1.66
CA GLY C 47 -8.38 -12.20 -3.07
C GLY C 47 -9.14 -10.98 -3.58
N ALA C 48 -10.20 -10.61 -2.87
CA ALA C 48 -10.99 -9.44 -3.25
C ALA C 48 -10.13 -8.18 -3.26
N ALA C 49 -9.26 -8.06 -2.25
CA ALA C 49 -8.42 -6.88 -2.13
C ALA C 49 -7.43 -6.79 -3.31
N GLU C 50 -6.85 -7.92 -3.69
CA GLU C 50 -5.96 -7.97 -4.86
C GLU C 50 -6.72 -7.60 -6.13
N PHE C 51 -7.91 -8.16 -6.31
CA PHE C 51 -8.73 -7.85 -7.48
C PHE C 51 -9.07 -6.37 -7.54
N LEU C 52 -9.47 -5.79 -6.42
CA LEU C 52 -9.88 -4.40 -6.40
C LEU C 52 -8.70 -3.44 -6.61
N ARG C 53 -7.54 -3.78 -6.04
CA ARG C 53 -6.32 -3.00 -6.24
C ARG C 53 -5.95 -2.88 -7.72
N ALA C 54 -5.99 -4.00 -8.43
CA ALA C 54 -5.73 -4.01 -9.86
C ALA C 54 -6.76 -3.13 -10.59
N HIS C 55 -8.01 -3.20 -10.14
CA HIS C 55 -9.00 -2.40 -10.81
C HIS C 55 -8.78 -0.90 -10.58
N ALA C 56 -8.32 -0.55 -9.38
CA ALA C 56 -7.97 0.83 -9.07
C ALA C 56 -6.82 1.33 -9.96
N VAL C 57 -5.88 0.44 -10.29
CA VAL C 57 -4.77 0.81 -11.18
C VAL C 57 -5.30 1.07 -12.59
N GLU C 58 -6.12 0.16 -13.11
CA GLU C 58 -6.66 0.32 -14.45
C GLU C 58 -7.53 1.57 -14.56
N GLU C 59 -8.29 1.87 -13.51
CA GLU C 59 -9.17 3.02 -13.57
C GLU C 59 -8.31 4.28 -13.63
N GLN C 61 -5.41 4.48 -15.04
CA GLN C 61 -4.99 4.58 -16.45
C GLN C 61 -6.08 5.15 -17.37
N HIS C 62 -7.35 4.83 -17.10
CA HIS C 62 -8.45 5.42 -17.86
C HIS C 62 -8.43 6.92 -17.63
N GLN C 64 -5.82 8.80 -16.85
CA GLN C 64 -4.64 9.37 -17.50
C GLN C 64 -4.85 9.55 -19.01
N ARG C 65 -5.37 8.49 -19.64
CA ARG C 65 -5.65 8.51 -21.08
C ARG C 65 -6.53 9.72 -21.43
N LEU C 66 -7.52 9.99 -20.61
CA LEU C 66 -8.43 11.09 -20.89
C LEU C 66 -7.71 12.43 -20.66
N PHE C 67 -6.96 12.49 -19.55
CA PHE C 67 -6.16 13.66 -19.21
C PHE C 67 -5.24 14.02 -20.38
N THR C 68 -4.59 13.01 -20.93
CA THR C 68 -3.63 13.23 -22.01
C THR C 68 -4.36 13.69 -23.27
N TYR C 69 -5.53 13.11 -23.55
CA TYR C 69 -6.30 13.51 -24.74
C TYR C 69 -6.65 14.99 -24.67
N VAL C 70 -7.21 15.43 -23.55
CA VAL C 70 -7.58 16.83 -23.43
C VAL C 70 -6.37 17.73 -23.69
N SER C 71 -5.24 17.41 -23.07
CA SER C 71 -4.02 18.19 -23.25
C SER C 71 -3.59 18.23 -24.71
N GLU C 72 -3.69 17.10 -25.37
CA GLU C 72 -3.25 17.00 -26.74
C GLU C 72 -4.08 17.84 -27.71
N THR C 73 -5.35 18.10 -27.37
CA THR C 73 -6.21 18.95 -28.18
C THR C 73 -5.88 20.43 -28.01
N GLY C 74 -5.06 20.74 -27.01
CA GLY C 74 -4.68 22.13 -26.77
C GLY C 74 -5.47 22.75 -25.65
N ALA C 75 -6.43 21.98 -25.09
CA ALA C 75 -7.18 22.43 -23.93
C ALA C 75 -6.38 22.13 -22.66
N LEU C 76 -6.81 22.70 -21.54
CA LEU C 76 -6.15 22.42 -20.27
C LEU C 76 -7.03 21.51 -19.40
N PRO C 77 -6.57 20.26 -19.19
CA PRO C 77 -7.40 19.42 -18.33
C PRO C 77 -7.29 19.91 -16.88
N ILE C 78 -8.37 19.81 -16.12
CA ILE C 78 -8.38 20.29 -14.73
C ILE C 78 -8.90 19.19 -13.81
N LEU C 79 -8.07 18.77 -12.85
CA LEU C 79 -8.39 17.60 -12.03
C LEU C 79 -9.55 17.85 -11.09
N GLY C 80 -9.55 19.03 -10.47
CA GLY C 80 -10.59 19.36 -9.51
C GLY C 80 -10.37 18.61 -8.20
N ALA C 81 -11.32 18.72 -7.29
CA ALA C 81 -11.25 18.04 -5.98
C ALA C 81 -11.82 16.64 -6.12
N ILE C 82 -11.12 15.64 -5.61
CA ILE C 82 -11.63 14.28 -5.70
C ILE C 82 -12.43 13.96 -4.44
N ALA C 83 -13.69 13.59 -4.61
CA ALA C 83 -14.53 13.21 -3.46
C ALA C 83 -13.93 12.07 -2.65
N ALA C 84 -14.18 12.07 -1.34
CA ALA C 84 -13.79 10.97 -0.49
C ALA C 84 -14.63 9.73 -0.83
N PRO C 85 -13.99 8.57 -1.01
CA PRO C 85 -14.71 7.33 -1.24
C PRO C 85 -15.14 6.77 0.10
N ARG C 86 -16.23 6.03 0.13
CA ARG C 86 -16.69 5.47 1.39
C ARG C 86 -15.71 4.39 1.82
N HIS C 87 -15.53 4.28 3.13
CA HIS C 87 -14.48 3.40 3.61
C HIS C 87 -14.97 2.25 4.46
N ASP C 88 -16.29 2.12 4.59
CA ASP C 88 -16.85 1.01 5.35
C ASP C 88 -17.99 0.38 4.55
N PHE C 89 -18.16 -0.92 4.73
CA PHE C 89 -19.19 -1.68 4.02
C PHE C 89 -19.67 -2.73 4.97
N ALA C 90 -20.95 -3.07 4.89
CA ALA C 90 -21.55 -4.01 5.83
C ALA C 90 -21.06 -5.44 5.60
N SER C 91 -20.75 -5.80 4.35
CA SER C 91 -20.29 -7.15 4.05
C SER C 91 -19.58 -7.14 2.71
N LEU C 92 -18.96 -8.26 2.34
CA LEU C 92 -18.23 -8.35 1.09
C LEU C 92 -19.19 -8.22 -0.10
N GLY C 93 -20.39 -8.77 0.09
CA GLY C 93 -21.44 -8.65 -0.90
C GLY C 93 -21.78 -7.20 -1.22
N GLU C 94 -21.86 -6.35 -0.20
CA GLU C 94 -22.18 -4.94 -0.43
C GLU C 94 -21.07 -4.29 -1.25
N VAL C 95 -19.83 -4.67 -0.97
CA VAL C 95 -18.73 -4.15 -1.77
C VAL C 95 -19.02 -4.35 -3.26
N PHE C 96 -19.31 -5.58 -3.64
CA PHE C 96 -19.46 -5.89 -5.07
C PHE C 96 -20.81 -5.49 -5.67
N ARG C 97 -21.85 -5.36 -4.85
CA ARG C 97 -23.06 -4.74 -5.36
C ARG C 97 -22.77 -3.28 -5.67
N GLU C 98 -21.99 -2.63 -4.81
CA GLU C 98 -21.68 -1.23 -5.08
C GLU C 98 -20.76 -1.06 -6.30
N THR C 99 -19.77 -1.94 -6.45
CA THR C 99 -18.91 -1.83 -7.62
C THR C 99 -19.75 -1.97 -8.90
N TYR C 100 -20.67 -2.93 -8.91
CA TYR C 100 -21.50 -3.11 -10.08
C TYR C 100 -22.29 -1.83 -10.42
N GLN C 101 -22.99 -1.27 -9.43
CA GLN C 101 -23.77 -0.07 -9.67
C GLN C 101 -22.84 1.05 -10.12
N HIS C 102 -21.65 1.11 -9.55
CA HIS C 102 -20.73 2.18 -9.89
C HIS C 102 -20.29 2.08 -11.35
N GLU C 103 -19.95 0.86 -11.77
CA GLU C 103 -19.55 0.64 -13.17
C GLU C 103 -20.66 0.96 -14.16
N GLN C 104 -21.91 0.68 -13.81
CA GLN C 104 -23.04 1.05 -14.67
C GLN C 104 -23.13 2.56 -14.82
N LYS C 105 -22.84 3.26 -13.74
CA LYS C 105 -22.86 4.72 -13.76
C LYS C 105 -21.80 5.23 -14.73
N ILE C 106 -20.60 4.64 -14.66
CA ILE C 106 -19.53 5.00 -15.57
C ILE C 106 -19.94 4.73 -17.03
N THR C 107 -20.46 3.54 -17.28
CA THR C 107 -20.94 3.20 -18.62
C THR C 107 -21.95 4.23 -19.10
N GLN C 108 -22.88 4.61 -18.23
CA GLN C 108 -23.86 5.60 -18.59
C GLN C 108 -23.20 6.95 -18.88
N GLN C 109 -22.22 7.32 -18.08
CA GLN C 109 -21.57 8.60 -18.26
C GLN C 109 -20.77 8.64 -19.56
N ILE C 110 -20.11 7.53 -19.89
CA ILE C 110 -19.39 7.44 -21.17
C ILE C 110 -20.35 7.60 -22.33
N ASN C 111 -21.51 6.95 -22.22
CA ASN C 111 -22.48 7.03 -23.29
C ASN C 111 -23.00 8.45 -23.53
N LYS C 112 -23.34 9.15 -22.45
CA LYS C 112 -23.74 10.54 -22.56
C LYS C 112 -22.66 11.36 -23.26
N LEU C 113 -21.41 11.18 -22.84
CA LEU C 113 -20.29 11.87 -23.44
C LEU C 113 -20.20 11.58 -24.93
N ALA C 114 -20.31 10.30 -25.29
CA ALA C 114 -20.26 9.91 -26.69
C ALA C 114 -21.37 10.64 -27.41
N HIS C 115 -22.53 10.74 -26.76
CA HIS C 115 -23.66 11.39 -27.38
C HIS C 115 -23.39 12.88 -27.58
N VAL C 116 -22.88 13.54 -26.55
CA VAL C 116 -22.56 14.97 -26.66
C VAL C 116 -21.51 15.22 -27.76
N ALA C 117 -20.51 14.35 -27.83
CA ALA C 117 -19.51 14.46 -28.89
C ALA C 117 -20.21 14.38 -30.25
N PHE C 118 -21.01 13.34 -30.45
CA PHE C 118 -21.66 13.21 -31.73
C PHE C 118 -22.55 14.40 -32.10
N THR C 119 -23.45 14.78 -31.19
CA THR C 119 -24.46 15.80 -31.48
C THR C 119 -23.86 17.18 -31.75
N SER C 120 -22.62 17.39 -31.33
CA SER C 120 -21.89 18.61 -31.64
C SER C 120 -20.90 18.40 -32.79
N GLN C 121 -20.96 17.23 -33.43
CA GLN C 121 -20.05 16.92 -34.54
C GLN C 121 -18.57 16.99 -34.16
N ASP C 122 -18.29 16.72 -32.90
CA ASP C 122 -16.91 16.56 -32.48
C ASP C 122 -16.50 15.12 -32.74
N TYR C 123 -16.24 14.81 -34.00
CA TYR C 123 -15.94 13.43 -34.38
C TYR C 123 -14.62 12.90 -33.81
N SER C 124 -13.68 13.78 -33.53
CA SER C 124 -12.41 13.35 -32.95
C SER C 124 -12.64 12.84 -31.54
N THR C 125 -13.45 13.57 -30.78
CA THR C 125 -13.77 13.15 -29.43
C THR C 125 -14.67 11.92 -29.44
N PHE C 126 -15.57 11.83 -30.41
CA PHE C 126 -16.42 10.65 -30.51
C PHE C 126 -15.56 9.42 -30.74
N ASN C 127 -14.63 9.52 -31.70
CA ASN C 127 -13.67 8.47 -31.99
C ASN C 127 -12.85 8.09 -30.75
N PHE C 128 -12.33 9.10 -30.06
CA PHE C 128 -11.55 8.84 -28.84
C PHE C 128 -12.33 8.01 -27.82
N LEU C 129 -13.62 8.33 -27.68
CA LEU C 129 -14.46 7.74 -26.64
C LEU C 129 -14.82 6.28 -26.90
N GLN C 130 -14.57 5.80 -28.12
CA GLN C 130 -14.90 4.43 -28.47
C GLN C 130 -14.12 3.38 -27.65
N TRP C 131 -12.88 3.67 -27.31
CA TRP C 131 -12.09 2.77 -26.48
C TRP C 131 -12.79 2.55 -25.13
N TYR C 132 -13.29 3.62 -24.55
CA TYR C 132 -14.02 3.53 -23.29
C TYR C 132 -15.36 2.80 -23.42
N VAL C 133 -16.07 3.04 -24.51
CA VAL C 133 -17.32 2.35 -24.79
C VAL C 133 -17.10 0.83 -24.83
N ALA C 134 -16.07 0.40 -25.53
CA ALA C 134 -15.73 -1.02 -25.60
C ALA C 134 -15.35 -1.56 -24.22
N GLU C 135 -14.54 -0.80 -23.47
CA GLU C 135 -14.05 -1.28 -22.17
C GLU C 135 -15.18 -1.49 -21.18
N GLN C 136 -16.16 -0.60 -21.18
CA GLN C 136 -17.28 -0.70 -20.23
C GLN C 136 -18.14 -1.92 -20.52
N HIS C 137 -18.22 -2.33 -21.79
CA HIS C 137 -18.93 -3.57 -22.11
C HIS C 137 -18.27 -4.72 -21.37
N GLU C 138 -16.95 -4.71 -21.34
CA GLU C 138 -16.19 -5.76 -20.65
C GLU C 138 -16.42 -5.66 -19.16
N GLU C 139 -16.32 -4.43 -18.64
CA GLU C 139 -16.48 -4.19 -17.21
C GLU C 139 -17.80 -4.75 -16.69
N GLU C 140 -18.88 -4.53 -17.44
CA GLU C 140 -20.18 -4.95 -16.95
C GLU C 140 -20.35 -6.47 -16.90
N LYS C 141 -19.86 -7.17 -17.93
CA LYS C 141 -19.83 -8.64 -17.88
C LYS C 141 -19.10 -9.12 -16.61
N LEU C 142 -17.93 -8.52 -16.37
CA LEU C 142 -17.08 -8.96 -15.27
C LEU C 142 -17.79 -8.84 -13.91
N PHE C 143 -18.29 -7.65 -13.60
CA PHE C 143 -18.90 -7.41 -12.30
C PHE C 143 -20.26 -8.05 -12.10
N LYS C 144 -21.02 -8.18 -13.18
CA LYS C 144 -22.28 -8.89 -13.11
C LYS C 144 -22.01 -10.35 -12.78
N GLY C 145 -20.94 -10.89 -13.34
CA GLY C 145 -20.55 -12.26 -13.08
C GLY C 145 -20.20 -12.50 -11.62
N ILE C 146 -19.67 -11.48 -10.95
CA ILE C 146 -19.35 -11.62 -9.53
C ILE C 146 -20.62 -11.66 -8.68
N LEU C 147 -21.57 -10.77 -8.97
CA LEU C 147 -22.86 -10.80 -8.31
C LEU C 147 -23.56 -12.14 -8.52
N ASP C 148 -23.42 -12.68 -9.73
CA ASP C 148 -24.02 -13.97 -10.05
C ASP C 148 -23.45 -15.04 -9.14
N LYS C 149 -22.15 -14.97 -8.87
CA LYS C 149 -21.50 -15.88 -7.92
C LYS C 149 -22.06 -15.79 -6.49
N LEU C 150 -22.18 -14.57 -5.99
CA LEU C 150 -22.73 -14.35 -4.66
C LEU C 150 -24.14 -14.90 -4.58
N GLU C 151 -24.93 -14.61 -5.60
CA GLU C 151 -26.30 -15.07 -5.65
C GLU C 151 -26.31 -16.59 -5.59
N LEU C 152 -25.38 -17.21 -6.31
CA LEU C 152 -25.37 -18.66 -6.43
C LEU C 152 -25.00 -19.39 -5.14
N VAL C 153 -23.90 -18.96 -4.52
CA VAL C 153 -23.38 -19.64 -3.34
C VAL C 153 -23.86 -19.00 -2.04
N GLY C 154 -24.42 -17.80 -2.14
CA GLY C 154 -24.88 -17.10 -0.97
C GLY C 154 -23.75 -16.35 -0.31
N GLU C 155 -23.98 -15.86 0.91
CA GLU C 155 -23.05 -14.93 1.53
C GLU C 155 -22.65 -15.32 2.94
N ASP C 156 -22.73 -16.62 3.22
CA ASP C 156 -22.20 -17.16 4.49
C ASP C 156 -20.68 -17.17 4.41
N GLY C 157 -20.04 -17.43 5.54
CA GLY C 157 -18.58 -17.39 5.62
C GLY C 157 -17.86 -18.30 4.64
N LYS C 158 -18.33 -19.54 4.53
CA LYS C 158 -17.70 -20.49 3.63
C LYS C 158 -17.89 -20.07 2.18
N ALA C 159 -19.06 -19.52 1.87
CA ALA C 159 -19.32 -19.01 0.54
C ALA C 159 -18.32 -17.90 0.20
N LEU C 160 -18.21 -16.91 1.08
CA LEU C 160 -17.31 -15.79 0.79
C LEU C 160 -15.86 -16.27 0.67
N PHE C 161 -15.47 -17.23 1.49
CA PHE C 161 -14.15 -17.85 1.42
C PHE C 161 -13.83 -18.34 -0.01
N PHE C 162 -14.79 -18.99 -0.66
CA PHE C 162 -14.56 -19.52 -2.01
C PHE C 162 -14.65 -18.43 -3.07
N ILE C 163 -15.54 -17.48 -2.86
CA ILE C 163 -15.68 -16.37 -3.79
C ILE C 163 -14.39 -15.57 -3.77
N ASP C 164 -13.82 -15.43 -2.58
CA ASP C 164 -12.58 -14.68 -2.44
C ASP C 164 -11.43 -15.35 -3.20
N LYS C 165 -11.42 -16.67 -3.22
CA LYS C 165 -10.41 -17.42 -3.97
C LYS C 165 -10.53 -17.14 -5.47
N ASP C 166 -11.77 -17.16 -5.95
CA ASP C 166 -12.06 -16.83 -7.34
C ASP C 166 -11.58 -15.43 -7.67
N LEU C 167 -11.82 -14.48 -6.76
CA LEU C 167 -11.39 -13.10 -6.98
C LEU C 167 -9.89 -12.99 -7.12
N ALA C 168 -9.16 -13.77 -6.32
CA ALA C 168 -7.70 -13.75 -6.38
C ALA C 168 -7.20 -14.29 -7.72
N ALA C 169 -7.95 -15.25 -8.27
CA ALA C 169 -7.65 -15.84 -9.57
C ALA C 169 -7.91 -14.82 -10.67
N LEU C 170 -9.08 -14.21 -10.60
CA LEU C 170 -9.48 -13.14 -11.51
C LEU C 170 -8.43 -12.03 -11.56
N ALA C 171 -7.84 -11.71 -10.41
CA ALA C 171 -6.86 -10.65 -10.31
C ALA C 171 -5.60 -10.98 -11.09
N LYS C 172 -5.22 -12.24 -11.09
CA LYS C 172 -4.01 -12.70 -11.78
C LYS C 172 -4.18 -12.80 -13.30
N LYS C 173 -4.36 -11.66 -13.96
CA LYS C 173 -4.44 -11.57 -15.42
C LYS C 173 -4.99 -10.22 -15.88
#